data_3HBN
#
_entry.id   3HBN
#
_cell.length_a   94.442
_cell.length_b   94.442
_cell.length_c   43.566
_cell.angle_alpha   90.00
_cell.angle_beta   90.00
_cell.angle_gamma   90.00
#
_symmetry.space_group_name_H-M   'P 41'
#
loop_
_entity.id
_entity.type
_entity.pdbx_description
1 polymer 'UDP-sugar hydrolase'
2 non-polymer "URIDINE-5'-DIPHOSPHATE"
3 non-polymer GLYCEROL
4 non-polymer 'CHLORIDE ION'
5 water water
#
_entity_poly.entity_id   1
_entity_poly.type   'polypeptide(L)'
_entity_poly.pdbx_seq_one_letter_code
;(MSE)KVLFRSDSSSQIGFGHIKRDLVLAKQYSDVSFACLPLEGSLIDEIPYPVYELSSESIYELINLIKEEKFELLIID
HYGISVDDEKLIKLETGVKILSFDDEIKPHHCDILLNVNAYAKASDYEGLVPFKCEVRCGFSYALIREEFYQEAKENRKK
KYDFFIC(MSE)GGTDIKNLSLQIASELPKTKIISIATSSSNPNLKKLQKFAKLHNNIRLFIDHENIAKL(MSE)NESNK
LIISASSLVNEALLLKANFKAICYVKNQESTATWLAKKGYEVEYKYLEHHHHHH
;
_entity_poly.pdbx_strand_id   A
#
# COMPACT_ATOMS: atom_id res chain seq x y z
N LYS A 2 3.72 -15.98 18.85
CA LYS A 2 4.12 -14.61 18.98
C LYS A 2 4.59 -14.17 17.58
N VAL A 3 3.99 -13.11 17.04
CA VAL A 3 4.28 -12.66 15.68
C VAL A 3 4.93 -11.28 15.68
N LEU A 4 5.97 -11.09 14.86
CA LEU A 4 6.56 -9.74 14.67
C LEU A 4 6.42 -9.31 13.22
N PHE A 5 5.91 -8.09 12.99
CA PHE A 5 5.90 -7.51 11.65
C PHE A 5 7.11 -6.61 11.48
N ARG A 6 7.89 -6.82 10.43
CA ARG A 6 8.93 -5.85 10.04
C ARG A 6 8.44 -5.06 8.84
N SER A 7 8.13 -3.79 9.06
CA SER A 7 7.50 -2.97 8.04
C SER A 7 7.69 -1.51 8.41
N ASP A 8 7.91 -0.67 7.41
CA ASP A 8 8.01 0.77 7.64
C ASP A 8 6.91 1.54 6.92
N SER A 9 6.64 2.77 7.40
CA SER A 9 5.79 3.71 6.69
C SER A 9 6.41 5.10 6.86
N SER A 10 6.18 5.96 5.88
CA SER A 10 6.69 7.35 5.94
C SER A 10 6.12 8.14 4.78
N SER A 11 6.37 9.45 4.80
CA SER A 11 6.03 10.27 3.64
C SER A 11 6.60 9.69 2.35
N GLN A 12 7.86 9.26 2.42
CA GLN A 12 8.54 8.72 1.25
C GLN A 12 8.10 7.32 0.86
N ILE A 13 7.91 6.44 1.85
CA ILE A 13 7.59 5.02 1.63
C ILE A 13 6.13 4.81 1.23
N GLY A 14 5.25 5.65 1.77
CA GLY A 14 3.81 5.48 1.61
C GLY A 14 3.24 4.72 2.78
N PHE A 15 1.94 4.44 2.70
CA PHE A 15 1.20 3.85 3.82
C PHE A 15 0.80 2.41 3.55
N GLY A 16 0.98 1.97 2.32
CA GLY A 16 0.44 0.67 1.90
C GLY A 16 0.91 -0.51 2.73
N HIS A 17 2.20 -0.54 3.08
CA HIS A 17 2.73 -1.69 3.84
C HIS A 17 2.07 -1.75 5.20
N ILE A 18 2.15 -0.67 5.96
CA ILE A 18 1.56 -0.68 7.30
C ILE A 18 0.05 -0.90 7.26
N LYS A 19 -0.67 -0.24 6.35
CA LYS A 19 -2.12 -0.40 6.32
C LYS A 19 -2.54 -1.85 6.07
N ARG A 20 -1.93 -2.50 5.07
CA ARG A 20 -2.30 -3.90 4.83
C ARG A 20 -1.81 -4.80 5.96
N ASP A 21 -0.66 -4.48 6.55
CA ASP A 21 -0.16 -5.24 7.71
C ASP A 21 -1.11 -5.19 8.89
N LEU A 22 -1.75 -4.04 9.10
CA LEU A 22 -2.74 -3.92 10.18
C LEU A 22 -3.97 -4.78 9.93
N VAL A 23 -4.32 -5.00 8.67
CA VAL A 23 -5.42 -5.93 8.34
C VAL A 23 -4.99 -7.38 8.62
N LEU A 24 -3.81 -7.74 8.13
CA LEU A 24 -3.24 -9.06 8.43
C LEU A 24 -3.06 -9.34 9.92
N ALA A 25 -2.67 -8.32 10.68
CA ALA A 25 -2.48 -8.44 12.12
C ALA A 25 -3.71 -8.95 12.86
N LYS A 26 -4.90 -8.68 12.31
CA LYS A 26 -6.13 -9.14 12.94
C LYS A 26 -6.29 -10.66 12.88
N GLN A 27 -5.44 -11.33 12.10
CA GLN A 27 -5.45 -12.80 11.98
C GLN A 27 -4.73 -13.47 13.17
N TYR A 28 -3.97 -12.68 13.94
CA TYR A 28 -3.11 -13.22 14.99
C TYR A 28 -3.39 -12.57 16.34
N SER A 29 -3.14 -13.28 17.43
CA SER A 29 -3.47 -12.74 18.75
C SER A 29 -2.31 -12.04 19.48
N ASP A 30 -1.06 -12.44 19.20
CA ASP A 30 0.09 -11.86 19.92
C ASP A 30 0.98 -11.16 18.90
N VAL A 31 0.69 -9.89 18.61
CA VAL A 31 1.34 -9.18 17.51
C VAL A 31 2.19 -8.01 18.01
N SER A 32 3.39 -7.88 17.43
CA SER A 32 4.27 -6.72 17.63
C SER A 32 4.75 -6.22 16.27
N PHE A 33 5.20 -4.97 16.22
CA PHE A 33 5.82 -4.39 15.02
C PHE A 33 7.23 -3.95 15.36
N ALA A 34 8.11 -4.00 14.37
CA ALA A 34 9.44 -3.40 14.46
C ALA A 34 9.56 -2.37 13.34
N CYS A 35 9.74 -1.10 13.71
CA CYS A 35 9.69 0.01 12.75
C CYS A 35 10.82 0.98 13.00
N LEU A 36 11.35 1.58 11.93
CA LEU A 36 12.23 2.75 12.08
C LEU A 36 11.39 4.00 12.30
N PRO A 37 11.82 4.89 13.21
CA PRO A 37 11.07 6.15 13.32
C PRO A 37 11.38 6.98 12.07
N LEU A 38 10.35 7.32 11.30
CA LEU A 38 10.56 8.06 10.05
C LEU A 38 9.54 9.17 9.95
N GLU A 39 9.91 10.25 9.26
CA GLU A 39 9.01 11.37 9.09
C GLU A 39 7.75 10.93 8.35
N GLY A 40 6.59 11.22 8.95
CA GLY A 40 5.29 10.91 8.35
C GLY A 40 4.82 9.48 8.55
N SER A 41 5.51 8.70 9.39
CA SER A 41 5.12 7.29 9.67
C SER A 41 3.74 7.16 10.32
N LEU A 42 3.20 5.95 10.27
CA LEU A 42 1.96 5.63 10.97
C LEU A 42 2.16 4.99 12.34
N ILE A 43 3.35 5.13 12.92
CA ILE A 43 3.65 4.47 14.21
C ILE A 43 2.56 4.76 15.27
N ASP A 44 2.07 6.00 15.32
CA ASP A 44 1.04 6.35 16.30
C ASP A 44 -0.32 5.70 16.02
N GLU A 45 -0.49 5.11 14.85
CA GLU A 45 -1.73 4.44 14.50
C GLU A 45 -1.69 2.93 14.73
N ILE A 46 -0.52 2.40 15.10
CA ILE A 46 -0.33 0.97 15.30
C ILE A 46 -0.66 0.58 16.74
N PRO A 47 -1.77 -0.14 16.96
CA PRO A 47 -2.23 -0.47 18.33
C PRO A 47 -1.63 -1.74 18.91
N TYR A 48 -0.33 -1.92 18.69
CA TYR A 48 0.43 -3.07 19.14
C TYR A 48 1.77 -2.56 19.65
N PRO A 49 2.49 -3.37 20.45
CA PRO A 49 3.85 -2.98 20.80
C PRO A 49 4.64 -2.69 19.52
N VAL A 50 5.29 -1.52 19.47
CA VAL A 50 6.14 -1.17 18.35
C VAL A 50 7.56 -1.00 18.85
N TYR A 51 8.42 -1.93 18.44
CA TYR A 51 9.83 -1.83 18.72
C TYR A 51 10.45 -0.79 17.81
N GLU A 52 11.09 0.21 18.40
CA GLU A 52 11.75 1.24 17.63
C GLU A 52 13.16 0.81 17.31
N LEU A 53 13.42 0.62 16.02
CA LEU A 53 14.75 0.25 15.55
C LEU A 53 15.67 1.46 15.50
N SER A 54 16.88 1.30 16.02
CA SER A 54 17.86 2.41 16.05
CA SER A 54 17.87 2.39 16.06
C SER A 54 18.67 2.49 14.76
N SER A 55 18.69 1.39 14.00
CA SER A 55 19.44 1.35 12.74
C SER A 55 18.75 0.46 11.73
N GLU A 56 19.22 0.51 10.49
CA GLU A 56 18.77 -0.39 9.43
C GLU A 56 19.49 -1.75 9.47
N SER A 57 20.37 -1.95 10.46
CA SER A 57 21.09 -3.22 10.60
C SER A 57 20.19 -4.43 10.68
N ILE A 58 20.41 -5.38 9.77
CA ILE A 58 19.70 -6.65 9.83
C ILE A 58 19.99 -7.39 11.15
N TYR A 59 21.17 -7.18 11.72
CA TYR A 59 21.47 -7.82 13.00
C TYR A 59 20.71 -7.25 14.17
N GLU A 60 20.29 -5.99 14.07
CA GLU A 60 19.41 -5.44 15.09
C GLU A 60 18.06 -6.16 15.10
N LEU A 61 17.52 -6.44 13.91
CA LEU A 61 16.28 -7.19 13.80
C LEU A 61 16.44 -8.63 14.31
N ILE A 62 17.54 -9.27 13.93
CA ILE A 62 17.85 -10.62 14.42
C ILE A 62 17.93 -10.68 15.96
N ASN A 63 18.59 -9.69 16.56
CA ASN A 63 18.67 -9.61 18.02
C ASN A 63 17.29 -9.56 18.66
N LEU A 64 16.40 -8.76 18.07
CA LEU A 64 15.04 -8.61 18.59
C LEU A 64 14.24 -9.92 18.50
N ILE A 65 14.41 -10.62 17.39
CA ILE A 65 13.74 -11.90 17.16
C ILE A 65 14.18 -12.93 18.22
N LYS A 66 15.48 -13.02 18.45
CA LYS A 66 16.04 -13.98 19.42
C LYS A 66 15.63 -13.66 20.86
N GLU A 67 15.75 -12.39 21.23
CA GLU A 67 15.52 -11.97 22.61
C GLU A 67 14.06 -12.12 23.06
N GLU A 68 13.14 -11.79 22.17
CA GLU A 68 11.70 -11.88 22.44
C GLU A 68 11.05 -13.21 22.03
N LYS A 69 11.83 -14.09 21.40
CA LYS A 69 11.35 -15.41 20.99
C LYS A 69 10.12 -15.37 20.07
N PHE A 70 10.16 -14.51 19.06
CA PHE A 70 9.09 -14.49 18.08
C PHE A 70 9.14 -15.79 17.28
N GLU A 71 7.96 -16.28 16.97
CA GLU A 71 7.83 -17.54 16.26
C GLU A 71 7.50 -17.35 14.78
N LEU A 72 6.87 -16.22 14.46
CA LEU A 72 6.60 -15.87 13.07
C LEU A 72 7.08 -14.45 12.81
N LEU A 73 7.85 -14.28 11.74
CA LEU A 73 8.26 -12.96 11.28
C LEU A 73 7.55 -12.70 9.98
N ILE A 74 6.85 -11.57 9.92
CA ILE A 74 6.15 -11.13 8.70
C ILE A 74 6.92 -9.94 8.14
N ILE A 75 7.52 -10.10 6.97
CA ILE A 75 8.33 -9.04 6.37
C ILE A 75 7.52 -8.38 5.28
N ASP A 76 7.35 -7.06 5.39
CA ASP A 76 6.67 -6.34 4.35
C ASP A 76 7.51 -5.11 4.13
N HIS A 77 8.62 -5.31 3.42
CA HIS A 77 9.62 -4.25 3.35
C HIS A 77 10.49 -4.41 2.12
N TYR A 78 10.43 -3.43 1.23
CA TYR A 78 11.17 -3.50 -0.03
C TYR A 78 12.68 -3.43 0.19
N GLY A 79 13.08 -3.02 1.40
CA GLY A 79 14.49 -2.89 1.75
C GLY A 79 15.12 -4.09 2.42
N ILE A 80 14.36 -5.17 2.60
CA ILE A 80 14.86 -6.41 3.18
C ILE A 80 15.06 -7.40 2.03
N SER A 81 16.31 -7.77 1.77
CA SER A 81 16.66 -8.54 0.58
C SER A 81 16.54 -10.04 0.78
N VAL A 82 16.59 -10.81 -0.31
CA VAL A 82 16.66 -12.26 -0.20
C VAL A 82 17.84 -12.72 0.69
N ASP A 83 19.00 -12.08 0.56
CA ASP A 83 20.13 -12.45 1.42
C ASP A 83 19.86 -12.16 2.91
N ASP A 84 19.17 -11.06 3.18
CA ASP A 84 18.74 -10.70 4.53
C ASP A 84 17.81 -11.77 5.13
N GLU A 85 16.87 -12.22 4.31
CA GLU A 85 15.93 -13.28 4.71
C GLU A 85 16.65 -14.58 5.03
N LYS A 86 17.60 -14.96 4.17
CA LYS A 86 18.43 -16.14 4.39
C LYS A 86 19.18 -16.04 5.72
N LEU A 87 19.75 -14.87 5.97
CA LEU A 87 20.52 -14.64 7.20
C LEU A 87 19.62 -14.72 8.43
N ILE A 88 18.44 -14.09 8.36
CA ILE A 88 17.44 -14.24 9.43
C ILE A 88 17.10 -15.71 9.71
N LYS A 89 16.83 -16.47 8.65
CA LYS A 89 16.49 -17.88 8.81
C LYS A 89 17.63 -18.64 9.52
N LEU A 90 18.84 -18.48 9.01
CA LEU A 90 20.04 -19.15 9.54
C LEU A 90 20.27 -18.81 11.01
N GLU A 91 20.13 -17.53 11.35
CA GLU A 91 20.50 -17.06 12.69
C GLU A 91 19.43 -17.30 13.75
N THR A 92 18.16 -17.36 13.34
CA THR A 92 17.07 -17.40 14.31
C THR A 92 16.19 -18.64 14.21
N GLY A 93 16.12 -19.25 13.04
CA GLY A 93 15.19 -20.37 12.80
C GLY A 93 13.72 -19.99 12.78
N VAL A 94 13.42 -18.69 12.81
CA VAL A 94 12.03 -18.19 12.83
C VAL A 94 11.32 -18.53 11.52
N LYS A 95 10.02 -18.75 11.59
CA LYS A 95 9.25 -18.94 10.35
C LYS A 95 9.04 -17.54 9.73
N ILE A 96 9.16 -17.46 8.41
CA ILE A 96 9.11 -16.16 7.72
C ILE A 96 8.00 -16.15 6.68
N LEU A 97 7.11 -15.17 6.79
CA LEU A 97 6.13 -14.88 5.76
C LEU A 97 6.63 -13.58 5.11
N SER A 98 6.87 -13.60 3.80
CA SER A 98 7.34 -12.40 3.09
C SER A 98 6.29 -11.92 2.12
N PHE A 99 5.93 -10.63 2.20
CA PHE A 99 5.14 -10.00 1.15
C PHE A 99 6.00 -9.75 -0.08
N ASP A 100 5.40 -9.89 -1.25
CA ASP A 100 6.04 -9.49 -2.49
C ASP A 100 5.03 -8.85 -3.40
N ASP A 101 5.42 -7.78 -4.10
CA ASP A 101 4.51 -7.11 -5.01
C ASP A 101 4.99 -7.08 -6.45
N GLU A 102 6.27 -7.42 -6.68
CA GLU A 102 6.88 -7.21 -8.00
C GLU A 102 7.26 -8.47 -8.79
N ILE A 103 7.13 -9.63 -8.14
CA ILE A 103 7.68 -10.90 -8.62
C ILE A 103 9.21 -10.89 -8.51
N LYS A 104 9.68 -11.01 -7.28
CA LYS A 104 11.09 -11.06 -6.95
C LYS A 104 11.32 -12.27 -6.05
N PRO A 105 12.56 -12.78 -6.00
CA PRO A 105 12.80 -13.93 -5.13
C PRO A 105 12.80 -13.56 -3.64
N HIS A 106 12.38 -14.51 -2.82
CA HIS A 106 12.42 -14.37 -1.37
C HIS A 106 12.84 -15.70 -0.77
N HIS A 107 13.54 -15.65 0.35
CA HIS A 107 13.83 -16.86 1.13
C HIS A 107 12.89 -16.91 2.32
N CYS A 108 11.71 -17.50 2.10
CA CYS A 108 10.65 -17.45 3.10
C CYS A 108 9.90 -18.78 3.15
N ASP A 109 9.11 -18.95 4.20
CA ASP A 109 8.28 -20.16 4.36
C ASP A 109 6.90 -20.00 3.73
N ILE A 110 6.43 -18.75 3.69
CA ILE A 110 5.20 -18.39 3.01
C ILE A 110 5.48 -17.12 2.21
N LEU A 111 5.09 -17.12 0.94
CA LEU A 111 5.22 -15.97 0.05
C LEU A 111 3.81 -15.45 -0.15
N LEU A 112 3.62 -14.15 0.12
CA LEU A 112 2.29 -13.56 0.00
C LEU A 112 2.30 -12.42 -1.00
N ASN A 113 1.56 -12.60 -2.09
CA ASN A 113 1.36 -11.54 -3.07
C ASN A 113 -0.13 -11.27 -3.14
N VAL A 114 -0.55 -10.18 -2.50
CA VAL A 114 -1.98 -9.86 -2.30
C VAL A 114 -2.63 -9.20 -3.51
N ASN A 115 -1.87 -9.04 -4.59
CA ASN A 115 -2.33 -8.34 -5.78
C ASN A 115 -3.10 -9.26 -6.72
N ALA A 116 -4.15 -8.71 -7.33
CA ALA A 116 -4.99 -9.50 -8.26
C ALA A 116 -4.21 -10.17 -9.39
N TYR A 117 -3.17 -9.52 -9.91
CA TYR A 117 -2.46 -10.06 -11.08
C TYR A 117 -1.76 -11.40 -10.80
N ALA A 118 -1.46 -11.64 -9.52
CA ALA A 118 -0.44 -12.62 -9.18
C ALA A 118 -0.92 -14.06 -9.25
N LYS A 119 -0.04 -14.93 -9.71
CA LYS A 119 -0.29 -16.37 -9.80
C LYS A 119 0.86 -17.09 -9.12
N ALA A 120 0.60 -18.20 -8.44
CA ALA A 120 1.68 -18.95 -7.78
C ALA A 120 2.77 -19.34 -8.78
N SER A 121 2.37 -19.60 -10.03
CA SER A 121 3.33 -19.96 -11.08
C SER A 121 4.36 -18.86 -11.40
N ASP A 122 4.02 -17.60 -11.13
CA ASP A 122 5.00 -16.51 -11.25
C ASP A 122 6.26 -16.73 -10.41
N TYR A 123 6.15 -17.50 -9.33
CA TYR A 123 7.25 -17.68 -8.39
C TYR A 123 8.05 -18.96 -8.55
N GLU A 124 7.81 -19.68 -9.64
CA GLU A 124 8.59 -20.90 -9.88
C GLU A 124 10.09 -20.58 -9.91
N GLY A 125 10.83 -21.24 -9.03
CA GLY A 125 12.28 -21.05 -8.90
C GLY A 125 12.70 -19.82 -8.11
N LEU A 126 11.74 -19.07 -7.59
CA LEU A 126 12.03 -17.79 -6.92
C LEU A 126 11.89 -17.89 -5.40
N VAL A 127 11.44 -19.05 -4.92
CA VAL A 127 11.25 -19.28 -3.49
C VAL A 127 11.89 -20.61 -3.09
N PRO A 128 12.11 -20.83 -1.79
CA PRO A 128 12.70 -22.11 -1.35
C PRO A 128 11.77 -23.30 -1.56
N PHE A 129 12.36 -24.49 -1.44
CA PHE A 129 11.66 -25.72 -1.75
C PHE A 129 10.46 -25.98 -0.84
N LYS A 130 10.46 -25.50 0.39
CA LYS A 130 9.28 -25.78 1.24
C LYS A 130 8.36 -24.58 1.47
N CYS A 131 8.36 -23.68 0.49
CA CYS A 131 7.61 -22.42 0.60
C CYS A 131 6.18 -22.55 0.08
N GLU A 132 5.21 -22.12 0.91
CA GLU A 132 3.84 -22.04 0.51
C GLU A 132 3.59 -20.69 -0.20
N VAL A 133 3.19 -20.75 -1.45
CA VAL A 133 3.04 -19.55 -2.26
C VAL A 133 1.57 -19.15 -2.32
N ARG A 134 1.27 -17.93 -1.87
CA ARG A 134 -0.11 -17.44 -1.77
C ARG A 134 -0.29 -16.16 -2.60
N CYS A 135 -0.97 -16.28 -3.74
CA CYS A 135 -1.03 -15.21 -4.74
C CYS A 135 -2.43 -14.94 -5.20
N GLY A 136 -2.75 -13.65 -5.36
CA GLY A 136 -3.97 -13.26 -6.03
C GLY A 136 -5.05 -12.72 -5.12
N PHE A 137 -6.21 -12.41 -5.72
CA PHE A 137 -7.30 -11.72 -5.02
C PHE A 137 -7.92 -12.53 -3.89
N SER A 138 -7.74 -13.86 -3.90
CA SER A 138 -8.19 -14.67 -2.75
C SER A 138 -7.39 -14.35 -1.48
N TYR A 139 -6.23 -13.70 -1.65
CA TYR A 139 -5.41 -13.25 -0.51
C TYR A 139 -5.35 -11.74 -0.37
N ALA A 140 -6.34 -11.05 -0.95
CA ALA A 140 -6.45 -9.60 -0.76
C ALA A 140 -6.56 -9.23 0.73
N LEU A 141 -5.88 -8.15 1.12
CA LEU A 141 -5.96 -7.60 2.48
C LEU A 141 -6.61 -6.25 2.38
N ILE A 142 -7.90 -6.21 2.71
CA ILE A 142 -8.74 -5.05 2.50
C ILE A 142 -9.49 -4.75 3.80
N ARG A 143 -9.56 -3.48 4.16
CA ARG A 143 -10.24 -3.05 5.38
C ARG A 143 -11.74 -3.35 5.36
N GLU A 144 -12.30 -3.56 6.55
CA GLU A 144 -13.70 -3.95 6.70
C GLU A 144 -14.67 -3.01 5.99
N GLU A 145 -14.38 -1.70 6.02
CA GLU A 145 -15.31 -0.74 5.43
C GLU A 145 -15.58 -0.99 3.95
N PHE A 146 -14.61 -1.57 3.24
CA PHE A 146 -14.83 -1.87 1.83
C PHE A 146 -15.83 -3.01 1.66
N TYR A 147 -15.76 -3.99 2.56
CA TYR A 147 -16.74 -5.07 2.54
C TYR A 147 -18.12 -4.55 2.93
N GLN A 148 -18.15 -3.68 3.94
CA GLN A 148 -19.41 -3.09 4.42
C GLN A 148 -20.06 -2.24 3.32
N GLU A 149 -19.21 -1.63 2.50
CA GLU A 149 -19.59 -0.64 1.51
C GLU A 149 -20.03 -1.24 0.18
N ALA A 150 -19.42 -2.36 -0.20
CA ALA A 150 -19.82 -3.09 -1.41
C ALA A 150 -21.25 -3.65 -1.29
N LYS A 151 -21.81 -3.57 -0.09
CA LYS A 151 -23.21 -3.97 0.16
C LYS A 151 -24.21 -2.82 0.04
N GLU A 152 -23.80 -1.61 0.42
CA GLU A 152 -24.69 -0.45 0.41
C GLU A 152 -24.81 0.21 -0.96
N ASN A 153 -26.00 0.76 -1.23
CA ASN A 153 -26.21 1.59 -2.41
C ASN A 153 -26.18 3.08 -2.06
N ARG A 154 -25.19 3.77 -2.60
CA ARG A 154 -24.99 5.20 -2.35
C ARG A 154 -25.26 6.04 -3.58
N LYS A 155 -25.82 7.22 -3.36
CA LYS A 155 -25.98 8.23 -4.42
C LYS A 155 -24.60 8.78 -4.78
N LYS A 156 -24.36 8.93 -6.07
CA LYS A 156 -23.10 9.51 -6.53
C LYS A 156 -23.06 11.02 -6.23
N LYS A 157 -21.95 11.46 -5.65
N LYS A 157 -21.95 11.44 -5.62
CA LYS A 157 -21.77 12.87 -5.32
CA LYS A 157 -21.71 12.85 -5.28
C LYS A 157 -20.57 13.49 -6.06
C LYS A 157 -20.67 13.47 -6.20
N TYR A 158 -19.73 12.65 -6.66
CA TYR A 158 -18.53 13.11 -7.36
C TYR A 158 -18.42 12.48 -8.71
N ASP A 159 -17.96 13.26 -9.68
CA ASP A 159 -17.66 12.75 -11.00
C ASP A 159 -16.35 11.94 -10.95
N PHE A 160 -15.39 12.46 -10.19
CA PHE A 160 -14.07 11.81 -10.06
C PHE A 160 -13.65 11.72 -8.61
N PHE A 161 -12.96 10.62 -8.28
CA PHE A 161 -12.28 10.47 -7.01
C PHE A 161 -10.80 10.27 -7.36
N ILE A 162 -9.92 11.09 -6.80
CA ILE A 162 -8.47 10.97 -7.02
C ILE A 162 -7.80 10.57 -5.72
N CYS A 163 -6.99 9.51 -5.76
CA CYS A 163 -6.20 9.14 -4.60
C CYS A 163 -4.92 8.51 -5.09
N GLY A 165 -2.59 7.25 -3.22
CA GLY A 165 -2.01 6.54 -2.07
C GLY A 165 -2.03 7.44 -0.83
N GLY A 166 -1.24 7.07 0.17
CA GLY A 166 -1.25 7.85 1.41
C GLY A 166 -0.58 9.21 1.35
N THR A 167 0.45 9.35 0.54
CA THR A 167 1.36 10.50 0.68
C THR A 167 1.67 11.26 -0.61
N ASP A 168 1.52 10.60 -1.76
CA ASP A 168 1.62 11.28 -3.07
C ASP A 168 2.81 12.25 -3.17
N ILE A 169 4.03 11.75 -3.03
CA ILE A 169 5.20 12.65 -2.98
C ILE A 169 5.42 13.52 -4.23
N LYS A 170 5.01 13.04 -5.40
CA LYS A 170 5.14 13.79 -6.64
C LYS A 170 4.03 14.83 -6.84
N ASN A 171 3.08 14.90 -5.91
CA ASN A 171 1.91 15.80 -6.04
C ASN A 171 1.15 15.60 -7.36
N LEU A 172 0.97 14.34 -7.75
CA LEU A 172 0.20 14.02 -8.93
C LEU A 172 -1.26 14.42 -8.73
N SER A 173 -1.73 14.49 -7.48
CA SER A 173 -3.14 14.81 -7.25
C SER A 173 -3.46 16.20 -7.82
N LEU A 174 -2.55 17.13 -7.62
CA LEU A 174 -2.76 18.49 -8.13
C LEU A 174 -2.74 18.50 -9.67
N GLN A 175 -1.73 17.87 -10.24
CA GLN A 175 -1.59 17.77 -11.69
C GLN A 175 -2.82 17.14 -12.36
N ILE A 176 -3.30 16.04 -11.77
CA ILE A 176 -4.40 15.27 -12.33
C ILE A 176 -5.71 16.09 -12.25
N ALA A 177 -5.96 16.67 -11.08
CA ALA A 177 -7.14 17.52 -10.89
C ALA A 177 -7.11 18.73 -11.85
N SER A 178 -5.92 19.27 -12.09
CA SER A 178 -5.76 20.42 -13.00
C SER A 178 -6.15 20.11 -14.46
N GLU A 179 -6.10 18.85 -14.86
CA GLU A 179 -6.45 18.43 -16.22
C GLU A 179 -7.96 18.26 -16.43
N LEU A 180 -8.70 18.17 -15.34
CA LEU A 180 -10.13 17.82 -15.40
C LEU A 180 -11.00 19.08 -15.58
N PRO A 181 -12.17 18.94 -16.25
CA PRO A 181 -13.04 20.12 -16.48
C PRO A 181 -13.47 20.79 -15.17
N LYS A 182 -13.54 22.12 -15.17
CA LYS A 182 -13.90 22.88 -13.97
C LYS A 182 -15.34 22.63 -13.52
N THR A 183 -16.11 21.98 -14.39
CA THR A 183 -17.51 21.65 -14.12
C THR A 183 -17.67 20.21 -13.61
N LYS A 184 -16.58 19.45 -13.56
CA LYS A 184 -16.63 18.10 -13.01
C LYS A 184 -16.33 18.16 -11.51
N ILE A 185 -17.15 17.48 -10.72
CA ILE A 185 -16.99 17.52 -9.27
C ILE A 185 -15.97 16.47 -8.88
N ILE A 186 -14.93 16.90 -8.17
CA ILE A 186 -13.74 16.05 -7.92
C ILE A 186 -13.46 15.91 -6.42
N SER A 187 -13.50 14.69 -5.91
CA SER A 187 -13.01 14.43 -4.57
C SER A 187 -11.54 14.01 -4.64
N ILE A 188 -10.74 14.49 -3.69
CA ILE A 188 -9.35 14.08 -3.57
C ILE A 188 -9.11 13.64 -2.13
N ALA A 189 -8.56 12.45 -1.96
CA ALA A 189 -8.20 11.93 -0.65
C ALA A 189 -6.70 11.87 -0.50
N THR A 190 -6.19 12.44 0.59
CA THR A 190 -4.79 12.29 0.94
C THR A 190 -4.60 12.33 2.46
N SER A 191 -3.39 12.02 2.93
CA SER A 191 -3.12 12.07 4.37
C SER A 191 -2.34 13.32 4.77
N SER A 192 -2.30 13.61 6.07
CA SER A 192 -1.44 14.67 6.59
C SER A 192 0.08 14.36 6.49
N SER A 193 0.46 13.17 6.02
CA SER A 193 1.87 12.88 5.75
C SER A 193 2.31 13.24 4.32
N ASN A 194 1.36 13.71 3.51
CA ASN A 194 1.63 14.23 2.16
C ASN A 194 2.51 15.49 2.28
N PRO A 195 3.75 15.45 1.73
CA PRO A 195 4.63 16.62 1.90
C PRO A 195 4.23 17.86 1.07
N ASN A 196 3.22 17.69 0.21
CA ASN A 196 2.65 18.75 -0.64
C ASN A 196 1.32 19.28 -0.12
N LEU A 197 1.01 18.95 1.13
CA LEU A 197 -0.31 19.23 1.66
C LEU A 197 -0.67 20.70 1.58
N LYS A 198 0.25 21.58 1.95
CA LYS A 198 -0.05 23.01 1.96
C LYS A 198 -0.39 23.50 0.54
N LYS A 199 0.41 23.08 -0.43
CA LYS A 199 0.14 23.47 -1.81
C LYS A 199 -1.20 22.91 -2.32
N LEU A 200 -1.46 21.64 -2.02
CA LEU A 200 -2.73 21.03 -2.44
C LEU A 200 -3.96 21.72 -1.84
N GLN A 201 -3.86 22.15 -0.59
CA GLN A 201 -4.97 22.84 0.07
C GLN A 201 -5.21 24.22 -0.56
N LYS A 202 -4.11 24.90 -0.87
CA LYS A 202 -4.17 26.23 -1.52
C LYS A 202 -4.86 26.11 -2.87
N PHE A 203 -4.42 25.14 -3.67
CA PHE A 203 -5.01 24.82 -4.97
C PHE A 203 -6.50 24.51 -4.85
N ALA A 204 -6.84 23.58 -3.95
CA ALA A 204 -8.23 23.13 -3.77
C ALA A 204 -9.16 24.29 -3.39
N LYS A 205 -8.69 25.17 -2.51
CA LYS A 205 -9.47 26.33 -2.04
C LYS A 205 -9.84 27.29 -3.19
N LEU A 206 -9.06 27.28 -4.26
CA LEU A 206 -9.31 28.13 -5.43
C LEU A 206 -10.32 27.54 -6.42
N HIS A 207 -10.67 26.27 -6.24
CA HIS A 207 -11.53 25.58 -7.19
C HIS A 207 -12.73 24.95 -6.50
N ASN A 208 -13.89 25.59 -6.63
CA ASN A 208 -15.06 25.13 -5.88
C ASN A 208 -15.58 23.76 -6.31
N ASN A 209 -15.12 23.26 -7.46
CA ASN A 209 -15.48 21.91 -7.91
C ASN A 209 -14.65 20.79 -7.26
N ILE A 210 -13.66 21.17 -6.46
CA ILE A 210 -12.80 20.21 -5.78
C ILE A 210 -13.09 20.16 -4.30
N ARG A 211 -13.29 18.94 -3.79
CA ARG A 211 -13.39 18.71 -2.37
CA ARG A 211 -13.38 18.72 -2.36
C ARG A 211 -12.22 17.83 -1.91
N LEU A 212 -11.38 18.39 -1.05
CA LEU A 212 -10.20 17.69 -0.55
C LEU A 212 -10.53 17.09 0.81
N PHE A 213 -10.27 15.78 0.96
CA PHE A 213 -10.48 15.10 2.24
C PHE A 213 -9.16 14.63 2.81
N ILE A 214 -8.77 15.20 3.95
CA ILE A 214 -7.52 14.86 4.59
C ILE A 214 -7.76 13.86 5.72
N ASP A 215 -7.00 12.77 5.72
CA ASP A 215 -7.10 11.75 6.77
C ASP A 215 -8.53 11.24 6.95
N HIS A 216 -9.24 11.05 5.84
CA HIS A 216 -10.61 10.55 5.87
C HIS A 216 -10.64 9.12 6.41
N GLU A 217 -11.67 8.79 7.19
CA GLU A 217 -11.73 7.48 7.84
C GLU A 217 -12.47 6.41 7.03
N ASN A 218 -13.06 6.78 5.91
CA ASN A 218 -13.76 5.83 5.06
C ASN A 218 -13.57 6.05 3.56
N ILE A 219 -12.43 5.57 3.05
CA ILE A 219 -12.09 5.68 1.64
C ILE A 219 -13.10 4.91 0.78
N ALA A 220 -13.62 3.81 1.32
CA ALA A 220 -14.61 3.01 0.60
C ALA A 220 -15.84 3.83 0.23
N LYS A 221 -16.35 4.59 1.20
CA LYS A 221 -17.51 5.47 0.98
C LYS A 221 -17.21 6.48 -0.12
N LEU A 222 -16.06 7.13 -0.03
CA LEU A 222 -15.66 8.13 -1.04
C LEU A 222 -15.60 7.52 -2.43
N ASN A 224 -17.23 4.81 -3.47
CA ASN A 224 -18.58 4.37 -3.83
C ASN A 224 -19.49 5.56 -4.19
N GLU A 225 -19.15 6.74 -3.67
CA GLU A 225 -19.85 8.00 -4.01
C GLU A 225 -19.39 8.65 -5.31
N SER A 226 -18.43 8.02 -5.99
CA SER A 226 -17.79 8.63 -7.16
C SER A 226 -18.05 7.82 -8.41
N ASN A 227 -18.26 8.53 -9.52
CA ASN A 227 -18.50 7.88 -10.82
C ASN A 227 -17.27 7.15 -11.37
N LYS A 228 -16.13 7.82 -11.31
CA LYS A 228 -14.90 7.26 -11.84
C LYS A 228 -13.77 7.55 -10.86
N LEU A 229 -12.89 6.58 -10.66
CA LEU A 229 -11.71 6.77 -9.82
C LEU A 229 -10.48 7.00 -10.69
N ILE A 230 -9.55 7.81 -10.19
CA ILE A 230 -8.19 7.90 -10.74
C ILE A 230 -7.24 7.58 -9.59
N ILE A 231 -6.61 6.40 -9.64
CA ILE A 231 -5.89 5.91 -8.46
C ILE A 231 -4.50 5.41 -8.84
N SER A 232 -3.57 5.41 -7.90
CA SER A 232 -2.28 4.75 -8.14
C SER A 232 -2.49 3.23 -8.21
N ALA A 233 -1.56 2.53 -8.88
CA ALA A 233 -1.66 1.09 -9.10
C ALA A 233 -1.06 0.36 -7.90
N SER A 234 -1.67 0.61 -6.76
CA SER A 234 -1.17 0.23 -5.45
C SER A 234 -2.27 -0.56 -4.71
N SER A 235 -2.30 -0.46 -3.38
CA SER A 235 -3.36 -1.13 -2.60
C SER A 235 -4.76 -0.70 -3.03
N LEU A 236 -4.85 0.53 -3.51
CA LEU A 236 -6.12 1.11 -3.95
C LEU A 236 -6.80 0.28 -5.04
N VAL A 237 -6.00 -0.39 -5.86
CA VAL A 237 -6.53 -1.23 -6.94
C VAL A 237 -7.38 -2.39 -6.40
N ASN A 238 -6.87 -3.11 -5.39
CA ASN A 238 -7.64 -4.21 -4.81
C ASN A 238 -8.93 -3.72 -4.17
N GLU A 239 -8.84 -2.55 -3.55
CA GLU A 239 -9.98 -1.89 -2.95
C GLU A 239 -11.04 -1.55 -4.01
N ALA A 240 -10.58 -0.91 -5.08
CA ALA A 240 -11.47 -0.55 -6.20
C ALA A 240 -12.07 -1.78 -6.87
N LEU A 241 -11.27 -2.84 -7.04
CA LEU A 241 -11.80 -4.10 -7.60
C LEU A 241 -12.92 -4.71 -6.76
N LEU A 242 -12.77 -4.68 -5.43
CA LEU A 242 -13.79 -5.23 -4.55
C LEU A 242 -15.09 -4.45 -4.71
N LEU A 243 -14.97 -3.14 -4.89
CA LEU A 243 -16.14 -2.28 -5.04
C LEU A 243 -16.71 -2.24 -6.47
N LYS A 244 -16.07 -2.99 -7.37
CA LYS A 244 -16.46 -3.02 -8.80
C LYS A 244 -16.51 -1.61 -9.39
N ALA A 245 -15.57 -0.75 -8.99
CA ALA A 245 -15.53 0.62 -9.47
C ALA A 245 -14.99 0.74 -10.90
N ASN A 246 -15.38 1.82 -11.58
CA ASN A 246 -14.77 2.21 -12.83
C ASN A 246 -13.57 3.08 -12.48
N PHE A 247 -12.39 2.69 -12.94
CA PHE A 247 -11.20 3.46 -12.61
C PHE A 247 -10.12 3.50 -13.69
N LYS A 248 -9.32 4.54 -13.63
CA LYS A 248 -8.10 4.67 -14.41
C LYS A 248 -6.96 4.54 -13.41
N ALA A 249 -5.90 3.83 -13.77
CA ALA A 249 -4.77 3.63 -12.88
C ALA A 249 -3.56 4.42 -13.33
N ILE A 250 -2.82 4.93 -12.35
CA ILE A 250 -1.58 5.66 -12.60
C ILE A 250 -0.44 4.77 -12.11
N CYS A 251 0.49 4.46 -13.01
CA CYS A 251 1.67 3.71 -12.61
C CYS A 251 2.65 4.73 -12.04
N TYR A 252 2.64 4.83 -10.72
CA TYR A 252 3.30 5.89 -9.98
C TYR A 252 4.83 5.73 -9.96
N VAL A 253 5.28 4.51 -9.68
CA VAL A 253 6.68 4.17 -9.53
C VAL A 253 6.89 2.79 -10.15
N LYS A 254 8.15 2.44 -10.38
CA LYS A 254 8.45 1.19 -11.11
C LYS A 254 7.85 -0.04 -10.46
N ASN A 255 7.82 -0.08 -9.13
CA ASN A 255 7.34 -1.26 -8.41
C ASN A 255 5.87 -1.62 -8.70
N GLN A 256 5.13 -0.69 -9.31
CA GLN A 256 3.72 -0.89 -9.62
C GLN A 256 3.46 -1.47 -11.02
N GLU A 257 4.54 -1.75 -11.77
CA GLU A 257 4.42 -2.17 -13.16
C GLU A 257 3.68 -3.50 -13.37
N SER A 258 3.87 -4.46 -12.46
CA SER A 258 3.17 -5.76 -12.60
C SER A 258 1.65 -5.58 -12.57
N THR A 259 1.18 -4.80 -11.59
CA THR A 259 -0.24 -4.44 -11.48
C THR A 259 -0.68 -3.65 -12.69
N ALA A 260 0.11 -2.66 -13.09
CA ALA A 260 -0.22 -1.82 -14.24
C ALA A 260 -0.43 -2.65 -15.50
N THR A 261 0.50 -3.57 -15.76
CA THR A 261 0.44 -4.45 -16.94
C THR A 261 -0.85 -5.27 -16.98
N TRP A 262 -1.18 -5.88 -15.84
CA TRP A 262 -2.38 -6.69 -15.73
C TRP A 262 -3.65 -5.88 -15.96
N LEU A 263 -3.70 -4.68 -15.37
CA LEU A 263 -4.86 -3.80 -15.55
C LEU A 263 -5.08 -3.43 -17.02
N ALA A 264 -3.99 -3.12 -17.72
CA ALA A 264 -4.05 -2.79 -19.15
C ALA A 264 -4.61 -3.99 -19.92
N LYS A 265 -4.04 -5.16 -19.66
CA LYS A 265 -4.51 -6.43 -20.23
C LYS A 265 -6.02 -6.62 -20.00
N LYS A 266 -6.50 -6.23 -18.83
CA LYS A 266 -7.90 -6.38 -18.50
C LYS A 266 -8.79 -5.26 -19.04
N GLY A 267 -8.18 -4.33 -19.77
CA GLY A 267 -8.94 -3.27 -20.44
C GLY A 267 -9.18 -1.98 -19.66
N TYR A 268 -8.44 -1.80 -18.57
CA TYR A 268 -8.48 -0.55 -17.82
C TYR A 268 -7.51 0.46 -18.44
N GLU A 269 -7.81 1.75 -18.36
CA GLU A 269 -6.84 2.79 -18.74
C GLU A 269 -5.71 2.81 -17.73
N VAL A 270 -4.48 2.82 -18.23
CA VAL A 270 -3.29 2.87 -17.39
C VAL A 270 -2.35 3.92 -17.94
N GLU A 271 -1.99 4.86 -17.08
CA GLU A 271 -1.10 5.96 -17.43
C GLU A 271 0.30 5.74 -16.87
N TYR A 272 1.30 5.73 -17.76
CA TYR A 272 2.69 5.55 -17.38
C TYR A 272 3.56 6.82 -17.41
N LYS A 273 3.05 7.96 -17.87
CA LYS A 273 3.91 9.14 -18.06
C LYS A 273 4.57 9.67 -16.78
N TYR A 274 3.93 9.46 -15.64
CA TYR A 274 4.47 10.00 -14.39
C TYR A 274 5.69 9.25 -13.86
N LEU A 275 6.04 8.13 -14.49
CA LEU A 275 7.33 7.49 -14.23
C LEU A 275 8.50 8.37 -14.64
N GLU A 276 8.27 9.24 -15.60
CA GLU A 276 9.36 10.05 -16.14
C GLU A 276 9.82 11.11 -15.15
N HIS A 277 11.11 11.40 -15.19
CA HIS A 277 11.72 12.21 -14.15
C HIS A 277 11.17 13.64 -14.05
N HIS A 278 10.72 14.20 -15.17
CA HIS A 278 10.22 15.59 -15.12
C HIS A 278 8.94 15.72 -14.31
N HIS A 279 8.31 14.58 -13.99
CA HIS A 279 7.10 14.57 -13.16
C HIS A 279 7.38 14.31 -11.66
N HIS A 280 8.63 14.47 -11.22
CA HIS A 280 8.97 14.19 -9.81
C HIS A 280 8.31 15.14 -8.80
N HIS A 281 7.89 16.31 -9.28
CA HIS A 281 7.20 17.31 -8.48
C HIS A 281 6.16 18.07 -9.29
N HIS A 282 5.10 18.52 -8.62
CA HIS A 282 4.14 19.44 -9.22
C HIS A 282 3.69 20.47 -8.21
#